data_5ZOO
#
_entry.id   5ZOO
#
_cell.length_a   131.424
_cell.length_b   131.424
_cell.length_c   67.770
_cell.angle_alpha   90.00
_cell.angle_beta   90.00
_cell.angle_gamma   120.00
#
_symmetry.space_group_name_H-M   'P 31 2 1'
#
loop_
_entity.id
_entity.type
_entity.pdbx_description
1 polymer 'Histone deacetylase 4'
2 polymer 'SMRT corepressor SP1 fragment'
3 non-polymer 'POTASSIUM ION'
4 non-polymer 'ZINC ION'
5 water water
#
loop_
_entity_poly.entity_id
_entity_poly.type
_entity_poly.pdbx_seq_one_letter_code
_entity_poly.pdbx_strand_id
1 'polypeptide(L)'
;AFTTGLVYDTLMLKHQCTCGSSSSHPEHAGRIQSIWSRLQETGLRGKCECIRGRKATLEELQTVHSEAHTLLYGTNPLNR
QKLDSKKLLGSLASVFVRLPCGGVGVDSDTIWNEVHSAGAARLAVGCVVELVFKVATGELKNGFAVVRPPGHHAEESTPM
GFCYFNSVAVAAKLLQQRLSVSKILIVDWDVHHGNGTQQAFYSDPSVLYMSLHRYDDGNFFPGSGAPDEVGTGPGVGFNV
NMAFTGGLDPPMGDAEYLAAFRTVVMPIASEFAPDVVLVSSGFDAVEGHPTPLGGYNLSARCFGYLTKQLMGLAGGRIVL
ALEGGYDLTAICDASEACVSALLGNELDPLPEKVLQQRPNANAVRSMEKVMEIHSKYWRCLQRTTSTAGRSLIEAQTCEN
EEA
;
G
2 'polypeptide(L)' HIRGSITQGIPRSY A
#
loop_
_chem_comp.id
_chem_comp.type
_chem_comp.name
_chem_comp.formula
K non-polymer 'POTASSIUM ION' 'K 1'
ZN non-polymer 'ZINC ION' 'Zn 2'
#
# COMPACT_ATOMS: atom_id res chain seq x y z
N PHE A 2 1.40 -22.60 -12.58
CA PHE A 2 1.68 -21.17 -12.73
C PHE A 2 0.46 -20.34 -12.31
N THR A 3 0.32 -20.19 -11.01
CA THR A 3 -0.90 -19.61 -10.48
C THR A 3 -0.56 -18.55 -9.46
N THR A 4 -1.58 -18.15 -8.71
CA THR A 4 -1.44 -17.15 -7.68
C THR A 4 -0.93 -17.80 -6.39
N GLY A 5 0.03 -17.14 -5.75
CA GLY A 5 0.54 -17.61 -4.48
C GLY A 5 0.00 -16.77 -3.34
N LEU A 6 -0.13 -17.38 -2.17
CA LEU A 6 -0.51 -16.69 -0.94
C LEU A 6 0.52 -17.03 0.12
N VAL A 7 0.93 -16.03 0.88
CA VAL A 7 1.80 -16.27 2.03
C VAL A 7 1.12 -15.69 3.27
N TYR A 8 1.25 -16.40 4.38
CA TYR A 8 0.59 -16.11 5.64
C TYR A 8 1.29 -16.95 6.70
N ASP A 9 1.29 -16.48 7.94
CA ASP A 9 1.91 -17.24 9.01
C ASP A 9 1.29 -16.81 10.34
N THR A 10 0.79 -17.77 11.12
CA THR A 10 0.12 -17.38 12.36
C THR A 10 1.09 -16.86 13.41
N LEU A 11 2.40 -17.02 13.22
CA LEU A 11 3.32 -16.39 14.16
C LEU A 11 3.28 -14.87 14.09
N MET A 12 2.76 -14.31 12.98
CA MET A 12 2.54 -12.87 12.94
C MET A 12 1.39 -12.43 13.85
N LEU A 13 0.56 -13.36 14.32
CA LEU A 13 -0.47 -12.99 15.28
C LEU A 13 0.12 -12.63 16.64
N LYS A 14 1.36 -13.01 16.92
CA LYS A 14 1.91 -12.81 18.26
C LYS A 14 2.43 -11.38 18.50
N HIS A 15 2.56 -10.57 17.44
CA HIS A 15 2.79 -9.13 17.62
C HIS A 15 1.53 -8.52 18.20
N GLN A 16 1.47 -8.39 19.52
CA GLN A 16 0.24 -7.95 20.17
C GLN A 16 0.57 -7.28 21.48
N CYS A 17 -0.15 -6.20 21.79
CA CYS A 17 0.05 -5.53 23.07
C CYS A 17 -0.40 -6.43 24.21
N THR A 18 0.24 -6.25 25.36
CA THR A 18 -0.06 -7.04 26.54
C THR A 18 -1.16 -6.44 27.39
N CYS A 19 -1.74 -5.30 26.98
CA CYS A 19 -2.57 -4.51 27.88
C CYS A 19 -3.96 -5.11 28.10
N GLY A 20 -4.46 -5.88 27.14
CA GLY A 20 -5.82 -6.39 27.26
C GLY A 20 -6.91 -5.39 26.98
N SER A 21 -6.61 -4.28 26.32
CA SER A 21 -7.58 -3.25 26.00
C SER A 21 -7.82 -3.30 24.49
N SER A 22 -8.77 -4.16 24.09
CA SER A 22 -8.93 -4.50 22.67
C SER A 22 -9.26 -3.29 21.82
N SER A 23 -10.09 -2.39 22.33
CA SER A 23 -10.54 -1.25 21.53
C SER A 23 -9.42 -0.23 21.29
N SER A 24 -8.26 -0.40 21.91
CA SER A 24 -7.23 0.63 21.87
C SER A 24 -6.24 0.46 20.72
N HIS A 25 -6.18 -0.70 20.08
CA HIS A 25 -5.15 -0.99 19.10
C HIS A 25 -5.76 -1.46 17.79
N PRO A 26 -5.96 -0.56 16.82
CA PRO A 26 -6.61 -0.95 15.56
C PRO A 26 -5.82 -1.96 14.76
N GLU A 27 -4.49 -1.92 14.83
CA GLU A 27 -3.64 -2.84 14.07
C GLU A 27 -3.44 -4.10 14.91
N HIS A 28 -4.45 -4.97 14.90
CA HIS A 28 -4.46 -6.11 15.79
C HIS A 28 -4.45 -7.42 15.00
N ALA A 29 -4.19 -8.50 15.74
CA ALA A 29 -3.94 -9.81 15.13
C ALA A 29 -5.14 -10.29 14.31
N GLY A 30 -6.36 -9.97 14.75
CA GLY A 30 -7.54 -10.43 14.04
C GLY A 30 -7.63 -9.95 12.60
N ARG A 31 -6.87 -8.91 12.26
CA ARG A 31 -6.85 -8.42 10.87
C ARG A 31 -6.43 -9.52 9.90
N ILE A 32 -5.27 -10.12 10.12
CA ILE A 32 -4.85 -11.12 9.14
C ILE A 32 -5.53 -12.45 9.38
N GLN A 33 -5.93 -12.73 10.63
CA GLN A 33 -6.65 -13.97 10.90
C GLN A 33 -7.99 -14.01 10.17
N SER A 34 -8.72 -12.89 10.18
CA SER A 34 -10.01 -12.87 9.50
C SER A 34 -9.84 -12.90 7.98
N ILE A 35 -8.85 -12.19 7.44
CA ILE A 35 -8.60 -12.27 6.00
C ILE A 35 -8.30 -13.71 5.60
N TRP A 36 -7.43 -14.38 6.36
CA TRP A 36 -7.08 -15.75 6.01
C TRP A 36 -8.32 -16.64 6.03
N SER A 37 -9.17 -16.48 7.05
CA SER A 37 -10.41 -17.26 7.13
C SER A 37 -11.32 -16.97 5.95
N ARG A 38 -11.41 -15.71 5.51
CA ARG A 38 -12.25 -15.39 4.36
C ARG A 38 -11.72 -16.07 3.10
N LEU A 39 -10.41 -16.00 2.88
CA LEU A 39 -9.83 -16.66 1.70
C LEU A 39 -10.07 -18.16 1.75
N GLN A 40 -10.03 -18.75 2.94
CA GLN A 40 -10.26 -20.19 3.07
C GLN A 40 -11.71 -20.55 2.79
N GLU A 41 -12.65 -19.88 3.45
CA GLU A 41 -14.04 -20.30 3.37
C GLU A 41 -14.67 -19.98 2.00
N THR A 42 -14.14 -19.00 1.27
CA THR A 42 -14.61 -18.71 -0.08
C THR A 42 -14.06 -19.68 -1.12
N GLY A 43 -13.15 -20.55 -0.75
CA GLY A 43 -12.49 -21.43 -1.71
C GLY A 43 -11.33 -20.81 -2.44
N LEU A 44 -11.01 -19.53 -2.21
CA LEU A 44 -9.93 -18.89 -2.93
C LEU A 44 -8.56 -19.47 -2.53
N ARG A 45 -8.38 -19.78 -1.24
CA ARG A 45 -7.10 -20.34 -0.81
C ARG A 45 -6.81 -21.63 -1.57
N GLY A 46 -7.83 -22.48 -1.75
CA GLY A 46 -7.65 -23.74 -2.45
C GLY A 46 -7.29 -23.58 -3.91
N LYS A 47 -7.55 -22.42 -4.50
CA LYS A 47 -7.16 -22.15 -5.87
C LYS A 47 -5.75 -21.62 -5.99
N CYS A 48 -5.12 -21.26 -4.88
CA CYS A 48 -3.81 -20.63 -4.85
C CYS A 48 -2.75 -21.60 -4.36
N GLU A 49 -1.50 -21.24 -4.63
CA GLU A 49 -0.36 -21.95 -4.07
C GLU A 49 -0.07 -21.44 -2.66
N CYS A 50 0.17 -22.38 -1.74
CA CYS A 50 0.48 -22.08 -0.35
C CYS A 50 1.99 -21.85 -0.23
N ILE A 51 2.39 -20.61 0.04
CA ILE A 51 3.80 -20.22 0.09
C ILE A 51 4.21 -20.07 1.55
N ARG A 52 5.29 -20.73 1.95
CA ARG A 52 5.75 -20.64 3.33
C ARG A 52 6.70 -19.45 3.49
N GLY A 53 6.46 -18.65 4.52
CA GLY A 53 7.31 -17.51 4.81
C GLY A 53 8.53 -17.88 5.64
N ARG A 54 9.25 -16.85 6.04
CA ARG A 54 10.47 -16.99 6.85
C ARG A 54 10.78 -15.62 7.42
N LYS A 55 11.67 -15.58 8.40
CA LYS A 55 12.14 -14.32 8.93
C LYS A 55 13.17 -13.71 7.99
N ALA A 56 13.06 -12.41 7.76
CA ALA A 56 14.13 -11.68 7.07
C ALA A 56 15.40 -11.68 7.92
N THR A 57 16.54 -11.73 7.25
CA THR A 57 17.81 -11.58 7.95
C THR A 57 18.06 -10.12 8.28
N LEU A 58 18.98 -9.89 9.22
CA LEU A 58 19.36 -8.52 9.55
C LEU A 58 19.99 -7.82 8.34
N GLU A 59 20.76 -8.57 7.55
CA GLU A 59 21.37 -7.99 6.35
C GLU A 59 20.31 -7.58 5.33
N GLU A 60 19.25 -8.38 5.19
CA GLU A 60 18.17 -8.02 4.27
C GLU A 60 17.47 -6.75 4.74
N LEU A 61 17.23 -6.63 6.05
CA LEU A 61 16.60 -5.43 6.59
C LEU A 61 17.47 -4.21 6.38
N GLN A 62 18.79 -4.37 6.40
CA GLN A 62 19.71 -3.25 6.27
C GLN A 62 19.83 -2.74 4.83
N THR A 63 19.13 -3.34 3.87
CA THR A 63 19.03 -2.70 2.56
C THR A 63 18.21 -1.42 2.64
N VAL A 64 17.36 -1.29 3.65
CA VAL A 64 16.50 -0.12 3.81
C VAL A 64 16.80 0.64 5.11
N HIS A 65 17.04 -0.09 6.20
CA HIS A 65 17.13 0.50 7.53
C HIS A 65 18.56 0.50 8.05
N SER A 66 18.82 1.41 8.99
CA SER A 66 20.15 1.48 9.60
C SER A 66 20.41 0.23 10.41
N GLU A 67 21.70 -0.10 10.57
CA GLU A 67 22.06 -1.26 11.40
C GLU A 67 21.46 -1.13 12.79
N ALA A 68 21.59 0.05 13.41
CA ALA A 68 21.06 0.25 14.75
C ALA A 68 19.56 0.02 14.80
N HIS A 69 18.84 0.50 13.79
CA HIS A 69 17.39 0.28 13.74
C HIS A 69 17.07 -1.21 13.67
N THR A 70 17.82 -1.96 12.85
CA THR A 70 17.54 -3.39 12.72
C THR A 70 17.88 -4.15 14.00
N LEU A 71 18.88 -3.69 14.75
CA LEU A 71 19.20 -4.33 16.02
C LEU A 71 18.15 -4.01 17.08
N LEU A 72 17.68 -2.76 17.11
CA LEU A 72 16.70 -2.36 18.12
C LEU A 72 15.39 -3.10 17.95
N TYR A 73 14.92 -3.27 16.72
CA TYR A 73 13.60 -3.83 16.47
C TYR A 73 13.64 -5.23 15.87
N GLY A 74 14.83 -5.77 15.61
CA GLY A 74 14.93 -7.08 15.00
C GLY A 74 15.59 -8.12 15.88
N THR A 75 16.03 -7.71 17.07
CA THR A 75 16.64 -8.60 18.04
C THR A 75 16.10 -8.26 19.42
N ASN A 76 16.16 -9.22 20.33
CA ASN A 76 15.81 -9.00 21.72
C ASN A 76 17.05 -9.05 22.60
N PRO A 77 17.00 -8.43 23.77
CA PRO A 77 18.12 -8.60 24.73
C PRO A 77 18.31 -10.07 25.08
N LEU A 78 19.54 -10.55 24.90
CA LEU A 78 19.85 -11.96 25.10
C LEU A 78 20.84 -12.14 26.24
N SER A 94 15.85 4.86 26.90
CA SER A 94 15.36 3.80 26.03
C SER A 94 14.33 4.33 25.04
N VAL A 95 14.25 3.66 23.88
CA VAL A 95 13.25 4.05 22.87
C VAL A 95 11.87 3.49 23.17
N PHE A 96 11.77 2.53 24.08
CA PHE A 96 10.49 1.91 24.43
C PHE A 96 9.92 2.58 25.67
N VAL A 97 8.69 3.05 25.57
CA VAL A 97 8.05 3.79 26.66
C VAL A 97 6.86 3.00 27.17
N ARG A 98 6.53 3.22 28.45
CA ARG A 98 5.30 2.69 29.02
C ARG A 98 4.11 3.47 28.48
N LEU A 99 3.17 2.78 27.85
CA LEU A 99 2.04 3.43 27.22
C LEU A 99 0.91 3.59 28.23
N PRO A 100 0.01 4.58 28.00
CA PRO A 100 -1.14 4.72 28.89
C PRO A 100 -2.02 3.48 28.96
N CYS A 101 -2.02 2.64 27.92
CA CYS A 101 -2.79 1.40 28.00
C CYS A 101 -2.19 0.42 28.99
N GLY A 102 -0.95 0.63 29.42
CA GLY A 102 -0.25 -0.30 30.29
C GLY A 102 0.80 -1.14 29.58
N GLY A 103 0.77 -1.19 28.25
CA GLY A 103 1.78 -1.89 27.50
C GLY A 103 3.01 -1.04 27.25
N VAL A 104 3.86 -1.54 26.35
CA VAL A 104 5.08 -0.88 25.94
C VAL A 104 4.97 -0.57 24.45
N GLY A 105 5.55 0.57 24.04
CA GLY A 105 5.57 0.89 22.62
C GLY A 105 6.66 1.89 22.30
N VAL A 106 6.75 2.23 21.01
CA VAL A 106 7.66 3.27 20.58
C VAL A 106 6.95 4.61 20.40
N ASP A 107 5.64 4.61 20.19
CA ASP A 107 4.81 5.79 20.35
C ASP A 107 3.41 5.31 20.72
N SER A 108 2.47 6.26 20.80
CA SER A 108 1.11 5.89 21.21
C SER A 108 0.44 4.95 20.22
N ASP A 109 0.85 4.97 18.95
CA ASP A 109 0.25 4.10 17.94
C ASP A 109 0.88 2.71 17.95
N THR A 110 2.19 2.64 18.14
CA THR A 110 3.00 1.52 17.69
C THR A 110 3.48 0.72 18.90
N ILE A 111 2.85 -0.41 19.15
CA ILE A 111 3.14 -1.19 20.35
C ILE A 111 4.40 -2.04 20.13
N TRP A 112 4.97 -2.50 21.23
CA TRP A 112 6.12 -3.39 21.20
C TRP A 112 5.89 -4.51 22.19
N ASN A 113 5.81 -5.74 21.69
CA ASN A 113 5.80 -6.92 22.53
C ASN A 113 7.25 -7.37 22.69
N GLU A 114 7.76 -7.28 23.93
CA GLU A 114 9.17 -7.53 24.18
C GLU A 114 9.58 -8.96 23.87
N VAL A 115 8.63 -9.89 23.76
CA VAL A 115 8.93 -11.27 23.44
C VAL A 115 8.77 -11.56 21.96
N HIS A 116 7.69 -11.07 21.33
CA HIS A 116 7.29 -11.55 20.01
C HIS A 116 7.43 -10.56 18.86
N SER A 117 7.56 -9.26 19.12
CA SER A 117 7.41 -8.29 18.04
C SER A 117 8.60 -8.32 17.08
N ALA A 118 9.81 -8.51 17.58
CA ALA A 118 10.97 -8.55 16.70
C ALA A 118 10.83 -9.68 15.68
N GLY A 119 10.48 -10.88 16.15
CA GLY A 119 10.32 -12.00 15.23
C GLY A 119 9.15 -11.81 14.28
N ALA A 120 8.03 -11.29 14.79
CA ALA A 120 6.86 -11.09 13.94
C ALA A 120 7.14 -10.05 12.85
N ALA A 121 7.83 -8.96 13.19
CA ALA A 121 8.14 -7.94 12.20
C ALA A 121 9.11 -8.46 11.15
N ARG A 122 10.12 -9.24 11.57
CA ARG A 122 11.02 -9.85 10.60
C ARG A 122 10.31 -10.89 9.76
N LEU A 123 9.32 -11.58 10.33
CA LEU A 123 8.56 -12.57 9.56
C LEU A 123 7.70 -11.90 8.51
N ALA A 124 7.10 -10.76 8.83
CA ALA A 124 6.32 -10.03 7.83
C ALA A 124 7.19 -9.69 6.62
N VAL A 125 8.40 -9.17 6.86
CA VAL A 125 9.30 -8.84 5.76
C VAL A 125 9.66 -10.10 4.98
N GLY A 126 10.06 -11.15 5.69
CA GLY A 126 10.48 -12.37 5.02
C GLY A 126 9.37 -13.01 4.18
N CYS A 127 8.14 -12.97 4.69
CA CYS A 127 7.00 -13.46 3.91
C CYS A 127 6.87 -12.69 2.59
N VAL A 128 6.95 -11.36 2.66
CA VAL A 128 6.82 -10.58 1.43
C VAL A 128 7.96 -10.90 0.47
N VAL A 129 9.19 -10.97 0.99
CA VAL A 129 10.35 -11.26 0.14
C VAL A 129 10.20 -12.62 -0.53
N GLU A 130 9.83 -13.64 0.24
CA GLU A 130 9.68 -14.98 -0.34
C GLU A 130 8.68 -14.98 -1.48
N LEU A 131 7.51 -14.39 -1.26
CA LEU A 131 6.48 -14.33 -2.29
C LEU A 131 6.94 -13.52 -3.49
N VAL A 132 7.56 -12.36 -3.25
CA VAL A 132 8.01 -11.50 -4.34
C VAL A 132 9.03 -12.23 -5.21
N PHE A 133 9.95 -12.97 -4.60
CA PHE A 133 10.97 -13.65 -5.40
C PHE A 133 10.39 -14.82 -6.20
N LYS A 134 9.41 -15.53 -5.64
CA LYS A 134 8.80 -16.61 -6.40
C LYS A 134 8.04 -16.08 -7.62
N VAL A 135 7.38 -14.93 -7.48
CA VAL A 135 6.73 -14.32 -8.64
C VAL A 135 7.78 -13.83 -9.64
N ALA A 136 8.80 -13.12 -9.14
CA ALA A 136 9.78 -12.52 -10.04
C ALA A 136 10.55 -13.58 -10.82
N THR A 137 10.81 -14.75 -10.22
CA THR A 137 11.54 -15.80 -10.91
C THR A 137 10.64 -16.73 -11.72
N GLY A 138 9.33 -16.52 -11.69
CA GLY A 138 8.43 -17.33 -12.48
C GLY A 138 7.95 -18.61 -11.84
N GLU A 139 8.21 -18.82 -10.56
CA GLU A 139 7.58 -19.95 -9.88
C GLU A 139 6.09 -19.72 -9.67
N LEU A 140 5.66 -18.46 -9.68
CA LEU A 140 4.27 -18.08 -9.52
C LEU A 140 3.91 -17.02 -10.56
N LYS A 141 2.63 -16.94 -10.90
CA LYS A 141 2.16 -15.86 -11.75
C LYS A 141 2.14 -14.53 -11.00
N ASN A 142 1.58 -14.53 -9.80
CA ASN A 142 1.37 -13.32 -9.03
C ASN A 142 1.09 -13.76 -7.60
N GLY A 143 0.80 -12.81 -6.71
CA GLY A 143 0.57 -13.23 -5.33
C GLY A 143 0.06 -12.14 -4.42
N PHE A 144 -0.41 -12.56 -3.26
CA PHE A 144 -0.92 -11.68 -2.21
C PHE A 144 -0.33 -12.13 -0.88
N ALA A 145 0.28 -11.18 -0.16
CA ALA A 145 0.91 -11.46 1.13
C ALA A 145 0.03 -10.96 2.25
N VAL A 146 -0.46 -11.88 3.08
CA VAL A 146 -1.34 -11.55 4.20
C VAL A 146 -0.45 -11.42 5.42
N VAL A 147 0.05 -10.20 5.67
CA VAL A 147 1.11 -9.98 6.65
C VAL A 147 0.77 -8.81 7.55
N ARG A 148 1.35 -8.85 8.75
CA ARG A 148 1.36 -7.75 9.71
C ARG A 148 2.57 -7.95 10.61
N PRO A 149 3.12 -6.87 11.22
CA PRO A 149 2.70 -5.46 11.12
C PRO A 149 2.95 -4.89 9.73
N PRO A 150 2.25 -3.80 9.39
CA PRO A 150 2.47 -3.18 8.08
C PRO A 150 3.84 -2.52 8.01
N GLY A 151 4.21 -1.98 6.85
CA GLY A 151 5.58 -1.55 6.66
C GLY A 151 5.84 -0.15 6.10
N HIS A 152 4.89 0.42 5.34
CA HIS A 152 5.28 1.53 4.47
C HIS A 152 5.52 2.86 5.20
N HIS A 153 5.21 2.98 6.49
CA HIS A 153 5.54 4.19 7.24
C HIS A 153 6.90 4.14 7.92
N ALA A 154 7.53 2.97 7.99
CA ALA A 154 8.80 2.85 8.69
C ALA A 154 9.92 3.49 7.86
N GLU A 155 10.58 4.48 8.44
CA GLU A 155 11.66 5.16 7.75
C GLU A 155 12.99 4.47 8.08
N GLU A 156 14.08 4.99 7.51
CA GLU A 156 15.39 4.33 7.62
C GLU A 156 15.74 4.02 9.07
N SER A 157 15.48 4.96 9.97
CA SER A 157 15.76 4.68 11.37
C SER A 157 14.64 5.18 12.28
N THR A 158 13.39 5.15 11.80
CA THR A 158 12.28 5.61 12.61
C THR A 158 11.04 4.74 12.39
N PRO A 159 10.60 3.99 13.40
CA PRO A 159 9.31 3.31 13.31
C PRO A 159 8.19 4.29 13.62
N MET A 160 7.02 4.04 13.03
CA MET A 160 5.88 4.93 13.23
C MET A 160 4.66 4.34 12.52
N GLY A 161 3.49 4.84 12.89
CA GLY A 161 2.25 4.48 12.19
C GLY A 161 2.01 2.98 12.08
N PHE A 162 2.28 2.25 13.17
CA PHE A 162 2.17 0.80 13.30
C PHE A 162 3.30 0.02 12.62
N CYS A 163 4.27 0.69 11.99
CA CYS A 163 5.27 0.03 11.15
C CYS A 163 6.64 0.05 11.79
N TYR A 164 7.38 -1.04 11.64
CA TYR A 164 8.76 -1.15 12.11
C TYR A 164 9.76 -1.33 10.97
N PHE A 165 9.48 -2.23 10.03
CA PHE A 165 10.35 -2.48 8.88
C PHE A 165 9.51 -2.39 7.61
N ASN A 166 10.07 -1.79 6.57
CA ASN A 166 9.32 -1.56 5.34
C ASN A 166 9.45 -2.78 4.42
N SER A 167 8.54 -3.73 4.61
CA SER A 167 8.62 -5.02 3.91
C SER A 167 8.68 -4.85 2.39
N VAL A 168 7.83 -4.00 1.83
CA VAL A 168 7.78 -3.83 0.38
C VAL A 168 9.08 -3.20 -0.12
N ALA A 169 9.60 -2.20 0.62
CA ALA A 169 10.84 -1.56 0.18
C ALA A 169 12.02 -2.54 0.24
N VAL A 170 12.07 -3.37 1.28
CA VAL A 170 13.13 -4.36 1.39
C VAL A 170 13.07 -5.32 0.21
N ALA A 171 11.86 -5.79 -0.13
CA ALA A 171 11.73 -6.70 -1.26
C ALA A 171 12.23 -6.06 -2.55
N ALA A 172 11.92 -4.78 -2.75
CA ALA A 172 12.37 -4.11 -3.97
C ALA A 172 13.89 -3.99 -4.01
N LYS A 173 14.51 -3.59 -2.89
CA LYS A 173 15.97 -3.52 -2.83
C LYS A 173 16.60 -4.87 -3.16
N LEU A 174 16.04 -5.95 -2.61
CA LEU A 174 16.60 -7.28 -2.84
C LEU A 174 16.42 -7.70 -4.29
N LEU A 175 15.30 -7.33 -4.92
CA LEU A 175 15.15 -7.57 -6.35
C LEU A 175 16.25 -6.90 -7.14
N GLN A 176 16.57 -5.64 -6.79
CA GLN A 176 17.66 -4.94 -7.45
C GLN A 176 18.98 -5.64 -7.21
N GLN A 177 19.28 -5.97 -5.95
CA GLN A 177 20.62 -6.42 -5.62
C GLN A 177 20.84 -7.90 -5.93
N ARG A 178 19.80 -8.74 -5.82
CA ARG A 178 19.99 -10.17 -6.03
C ARG A 178 19.52 -10.66 -7.40
N LEU A 179 18.62 -9.95 -8.05
CA LEU A 179 18.15 -10.34 -9.38
C LEU A 179 18.39 -9.28 -10.44
N SER A 180 19.02 -8.15 -10.08
CA SER A 180 19.35 -7.10 -11.05
C SER A 180 18.11 -6.59 -11.79
N VAL A 181 16.96 -6.52 -11.10
CA VAL A 181 15.75 -6.03 -11.76
C VAL A 181 15.91 -4.53 -12.00
N SER A 182 15.81 -4.11 -13.27
CA SER A 182 16.19 -2.74 -13.62
C SER A 182 15.05 -1.74 -13.49
N LYS A 183 13.78 -2.17 -13.53
CA LYS A 183 12.68 -1.23 -13.37
C LYS A 183 11.61 -1.85 -12.49
N ILE A 184 11.36 -1.22 -11.34
CA ILE A 184 10.37 -1.70 -10.38
C ILE A 184 9.35 -0.61 -10.16
N LEU A 185 8.08 -0.95 -10.28
CA LEU A 185 6.98 -0.03 -9.96
C LEU A 185 6.41 -0.43 -8.60
N ILE A 186 6.30 0.54 -7.68
CA ILE A 186 5.59 0.35 -6.43
C ILE A 186 4.36 1.23 -6.44
N VAL A 187 3.18 0.61 -6.37
CA VAL A 187 1.92 1.33 -6.24
C VAL A 187 1.46 1.16 -4.81
N ASP A 188 1.08 2.27 -4.17
CA ASP A 188 0.73 2.27 -2.76
C ASP A 188 -0.69 2.84 -2.67
N TRP A 189 -1.71 1.99 -2.56
CA TRP A 189 -3.09 2.49 -2.50
C TRP A 189 -3.69 2.39 -1.10
N ASP A 190 -2.88 2.10 -0.10
CA ASP A 190 -3.26 2.42 1.27
C ASP A 190 -3.66 3.90 1.34
N VAL A 191 -4.65 4.21 2.18
CA VAL A 191 -5.17 5.58 2.19
C VAL A 191 -4.14 6.58 2.73
N HIS A 192 -3.09 6.10 3.38
CA HIS A 192 -2.03 6.95 3.92
C HIS A 192 -0.84 6.97 2.99
N HIS A 193 -0.14 8.10 2.96
CA HIS A 193 1.10 8.21 2.20
C HIS A 193 2.18 7.28 2.77
N GLY A 194 2.87 6.56 1.88
CA GLY A 194 3.97 5.71 2.32
C GLY A 194 5.26 6.48 2.43
N ASN A 195 5.41 7.25 3.52
CA ASN A 195 6.59 8.10 3.69
C ASN A 195 7.88 7.30 3.71
N GLY A 196 7.85 6.08 4.27
CA GLY A 196 9.07 5.28 4.28
C GLY A 196 9.48 4.84 2.89
N THR A 197 8.52 4.35 2.11
CA THR A 197 8.83 3.92 0.76
C THR A 197 9.30 5.09 -0.10
N GLN A 198 8.64 6.25 0.02
CA GLN A 198 9.09 7.44 -0.72
C GLN A 198 10.55 7.74 -0.39
N GLN A 199 10.89 7.76 0.90
CA GLN A 199 12.27 8.03 1.31
C GLN A 199 13.24 7.03 0.71
N ALA A 200 12.88 5.74 0.74
CA ALA A 200 13.81 4.69 0.37
C ALA A 200 14.26 4.81 -1.09
N PHE A 201 13.43 5.38 -1.97
CA PHE A 201 13.71 5.38 -3.40
C PHE A 201 13.73 6.78 -3.99
N TYR A 202 13.82 7.82 -3.15
CA TYR A 202 13.58 9.18 -3.61
C TYR A 202 14.57 9.64 -4.67
N SER A 203 15.81 9.17 -4.62
CA SER A 203 16.81 9.55 -5.61
C SER A 203 17.06 8.46 -6.65
N ASP A 204 16.22 7.43 -6.68
CA ASP A 204 16.45 6.27 -7.52
C ASP A 204 15.51 6.28 -8.71
N PRO A 205 16.00 6.48 -9.94
CA PRO A 205 15.12 6.45 -11.11
C PRO A 205 14.70 5.05 -11.53
N SER A 206 15.31 3.99 -10.99
CA SER A 206 14.98 2.63 -11.38
C SER A 206 13.79 2.06 -10.60
N VAL A 207 13.25 2.81 -9.66
CA VAL A 207 12.06 2.41 -8.92
C VAL A 207 11.09 3.59 -8.97
N LEU A 208 9.90 3.36 -9.49
CA LEU A 208 8.86 4.38 -9.54
C LEU A 208 7.92 4.13 -8.36
N TYR A 209 7.84 5.09 -7.45
CA TYR A 209 6.91 5.02 -6.33
C TYR A 209 5.70 5.87 -6.65
N MET A 210 4.52 5.27 -6.64
CA MET A 210 3.26 5.95 -6.92
C MET A 210 2.30 5.69 -5.78
N SER A 211 1.91 6.75 -5.09
CA SER A 211 0.98 6.65 -3.96
C SER A 211 -0.29 7.41 -4.25
N LEU A 212 -1.44 6.76 -4.02
CA LEU A 212 -2.72 7.45 -3.87
C LEU A 212 -2.98 7.57 -2.37
N HIS A 213 -3.33 8.77 -1.91
CA HIS A 213 -3.56 8.92 -0.48
C HIS A 213 -4.39 10.16 -0.19
N ARG A 214 -5.06 10.11 0.95
CA ARG A 214 -5.64 11.30 1.56
C ARG A 214 -4.52 12.21 2.03
N TYR A 215 -4.42 13.40 1.45
CA TYR A 215 -3.37 14.34 1.78
C TYR A 215 -3.89 15.59 2.47
N ASP A 216 -4.97 16.18 1.95
CA ASP A 216 -5.66 17.31 2.59
C ASP A 216 -4.68 18.42 2.99
N ASP A 217 -3.80 18.77 2.06
CA ASP A 217 -2.86 19.88 2.22
C ASP A 217 -1.92 19.68 3.42
N GLY A 218 -1.62 18.42 3.75
CA GLY A 218 -0.71 18.12 4.84
C GLY A 218 -1.37 17.95 6.20
N ASN A 219 -2.70 17.83 6.26
CA ASN A 219 -3.41 17.79 7.53
C ASN A 219 -3.94 16.40 7.87
N PHE A 220 -3.32 15.35 7.35
CA PHE A 220 -3.70 13.98 7.63
C PHE A 220 -2.43 13.17 7.87
N PHE A 221 -2.55 12.05 8.59
CA PHE A 221 -1.37 11.25 8.87
C PHE A 221 -0.83 10.63 7.58
N PRO A 222 0.51 10.62 7.37
CA PRO A 222 1.53 11.14 8.30
C PRO A 222 1.87 12.61 8.09
N GLY A 223 1.32 13.24 7.05
CA GLY A 223 1.55 14.65 6.78
C GLY A 223 2.44 14.91 5.59
N SER A 224 3.07 13.88 5.04
CA SER A 224 3.93 13.99 3.87
C SER A 224 3.14 13.63 2.62
N GLY A 225 3.79 13.76 1.47
CA GLY A 225 3.22 13.25 0.24
C GLY A 225 2.54 14.30 -0.60
N ALA A 226 3.11 15.51 -0.61
CA ALA A 226 2.58 16.57 -1.46
C ALA A 226 2.81 16.24 -2.94
N PRO A 227 1.95 16.75 -3.82
CA PRO A 227 2.15 16.49 -5.27
C PRO A 227 3.49 17.00 -5.80
N ASP A 228 4.05 18.07 -5.23
CA ASP A 228 5.30 18.59 -5.75
C ASP A 228 6.53 17.85 -5.22
N GLU A 229 6.35 16.77 -4.46
CA GLU A 229 7.44 15.89 -4.06
C GLU A 229 7.63 14.88 -5.19
N VAL A 230 8.57 15.18 -6.10
CA VAL A 230 8.73 14.42 -7.34
C VAL A 230 9.99 13.58 -7.36
N GLY A 231 10.79 13.61 -6.30
CA GLY A 231 12.08 12.93 -6.28
C GLY A 231 13.23 13.93 -6.27
N THR A 232 14.44 13.39 -6.16
CA THR A 232 15.63 14.23 -6.11
C THR A 232 16.74 13.59 -6.93
N GLY A 233 17.68 14.42 -7.38
CA GLY A 233 18.80 13.98 -8.18
C GLY A 233 18.34 13.24 -9.42
N PRO A 234 19.01 12.13 -9.74
CA PRO A 234 18.59 11.35 -10.91
C PRO A 234 17.19 10.75 -10.76
N GLY A 235 16.62 10.77 -9.56
CA GLY A 235 15.27 10.29 -9.32
C GLY A 235 14.16 11.28 -9.56
N VAL A 236 14.47 12.49 -10.05
CA VAL A 236 13.43 13.50 -10.27
C VAL A 236 12.41 12.97 -11.28
N GLY A 237 11.13 13.03 -10.92
CA GLY A 237 10.06 12.56 -11.76
C GLY A 237 9.63 11.13 -11.50
N PHE A 238 10.39 10.37 -10.71
CA PHE A 238 10.06 8.98 -10.44
C PHE A 238 9.43 8.80 -9.06
N ASN A 239 8.84 9.86 -8.52
CA ASN A 239 8.03 9.78 -7.31
C ASN A 239 6.74 10.53 -7.59
N VAL A 240 5.62 9.83 -7.55
CA VAL A 240 4.33 10.39 -7.99
C VAL A 240 3.36 10.30 -6.83
N ASN A 241 3.02 11.45 -6.24
CA ASN A 241 2.07 11.53 -5.13
C ASN A 241 0.72 11.95 -5.68
N MET A 242 -0.14 10.96 -5.94
CA MET A 242 -1.53 11.23 -6.31
C MET A 242 -2.26 11.60 -5.02
N ALA A 243 -2.05 12.85 -4.60
CA ALA A 243 -2.51 13.34 -3.31
C ALA A 243 -3.90 13.95 -3.45
N PHE A 244 -4.86 13.39 -2.73
CA PHE A 244 -6.22 13.93 -2.72
C PHE A 244 -6.34 15.00 -1.63
N THR A 245 -6.82 16.18 -2.01
CA THR A 245 -7.00 17.30 -1.10
C THR A 245 -8.45 17.77 -1.16
N GLY A 246 -8.94 18.32 -0.06
CA GLY A 246 -10.31 18.78 0.04
C GLY A 246 -11.08 18.15 1.18
N GLY A 247 -10.48 17.21 1.90
CA GLY A 247 -11.15 16.59 3.03
C GLY A 247 -12.21 15.60 2.57
N LEU A 248 -13.26 15.47 3.38
CA LEU A 248 -14.34 14.52 3.13
C LEU A 248 -15.57 15.26 2.64
N ASP A 249 -15.39 16.14 1.65
CA ASP A 249 -16.46 17.02 1.16
C ASP A 249 -16.52 16.95 -0.36
N PRO A 250 -16.98 15.82 -0.93
CA PRO A 250 -17.36 14.56 -0.27
C PRO A 250 -16.16 13.61 -0.17
N PRO A 251 -16.27 12.55 0.63
CA PRO A 251 -15.20 11.54 0.64
C PRO A 251 -14.94 11.00 -0.75
N MET A 252 -13.69 10.62 -1.00
CA MET A 252 -13.34 9.99 -2.26
C MET A 252 -13.95 8.59 -2.32
N GLY A 253 -14.37 8.20 -3.51
CA GLY A 253 -14.97 6.89 -3.73
C GLY A 253 -14.48 6.22 -5.00
N ASP A 254 -15.25 5.24 -5.48
CA ASP A 254 -14.85 4.45 -6.65
C ASP A 254 -14.61 5.34 -7.87
N ALA A 255 -15.55 6.26 -8.16
CA ALA A 255 -15.41 7.08 -9.35
C ALA A 255 -14.10 7.87 -9.32
N GLU A 256 -13.70 8.33 -8.14
CA GLU A 256 -12.50 9.16 -8.02
C GLU A 256 -11.23 8.33 -8.20
N TYR A 257 -11.17 7.14 -7.62
CA TYR A 257 -9.96 6.32 -7.78
C TYR A 257 -9.86 5.74 -9.18
N LEU A 258 -11.00 5.40 -9.79
CA LEU A 258 -10.96 4.90 -11.17
C LEU A 258 -10.51 6.00 -12.13
N ALA A 259 -10.97 7.24 -11.92
CA ALA A 259 -10.50 8.35 -12.73
C ALA A 259 -9.01 8.63 -12.51
N ALA A 260 -8.55 8.53 -11.25
CA ALA A 260 -7.14 8.71 -10.97
C ALA A 260 -6.30 7.64 -11.63
N PHE A 261 -6.79 6.40 -11.68
CA PHE A 261 -6.08 5.35 -12.40
C PHE A 261 -6.05 5.64 -13.90
N ARG A 262 -7.16 6.16 -14.44
CA ARG A 262 -7.23 6.40 -15.88
C ARG A 262 -6.34 7.54 -16.31
N THR A 263 -6.25 8.60 -15.50
CA THR A 263 -5.56 9.82 -15.89
C THR A 263 -4.12 9.88 -15.40
N VAL A 264 -3.80 9.26 -14.27
CA VAL A 264 -2.49 9.44 -13.64
C VAL A 264 -1.74 8.13 -13.53
N VAL A 265 -2.32 7.15 -12.83
CA VAL A 265 -1.57 5.96 -12.46
C VAL A 265 -1.20 5.14 -13.68
N MET A 266 -2.20 4.76 -14.48
CA MET A 266 -1.92 3.85 -15.58
C MET A 266 -1.13 4.51 -16.73
N PRO A 267 -1.37 5.77 -17.07
CA PRO A 267 -0.50 6.38 -18.12
C PRO A 267 0.96 6.46 -17.69
N ILE A 268 1.23 6.93 -16.46
CA ILE A 268 2.61 7.01 -16.00
C ILE A 268 3.20 5.62 -15.85
N ALA A 269 2.46 4.68 -15.25
CA ALA A 269 2.99 3.34 -15.05
C ALA A 269 3.30 2.66 -16.38
N SER A 270 2.45 2.86 -17.38
CA SER A 270 2.70 2.25 -18.68
C SER A 270 3.92 2.86 -19.35
N GLU A 271 4.11 4.18 -19.22
CA GLU A 271 5.30 4.81 -19.78
C GLU A 271 6.56 4.35 -19.05
N PHE A 272 6.47 4.18 -17.73
CA PHE A 272 7.61 3.66 -16.97
C PHE A 272 7.96 2.24 -17.41
N ALA A 273 6.94 1.44 -17.75
CA ALA A 273 7.10 0.10 -18.32
C ALA A 273 7.94 -0.78 -17.41
N PRO A 274 7.41 -1.16 -16.24
CA PRO A 274 8.22 -1.88 -15.26
C PRO A 274 8.42 -3.35 -15.61
N ASP A 275 9.44 -3.93 -14.96
CA ASP A 275 9.68 -5.37 -14.98
C ASP A 275 8.87 -6.13 -13.95
N VAL A 276 8.57 -5.48 -12.83
CA VAL A 276 7.85 -6.08 -11.70
C VAL A 276 7.00 -4.98 -11.08
N VAL A 277 5.81 -5.33 -10.60
CA VAL A 277 4.96 -4.39 -9.88
C VAL A 277 4.79 -4.91 -8.46
N LEU A 278 5.07 -4.04 -7.48
CA LEU A 278 4.78 -4.31 -6.08
C LEU A 278 3.69 -3.36 -5.63
N VAL A 279 2.71 -3.87 -4.89
CA VAL A 279 1.59 -3.07 -4.41
C VAL A 279 1.61 -3.07 -2.88
N SER A 280 1.74 -1.89 -2.29
CA SER A 280 1.47 -1.68 -0.87
C SER A 280 -0.04 -1.59 -0.73
N SER A 281 -0.66 -2.73 -0.42
CA SER A 281 -2.11 -2.89 -0.56
C SER A 281 -2.79 -2.75 0.79
N GLY A 282 -2.87 -1.51 1.26
CA GLY A 282 -3.72 -1.21 2.39
C GLY A 282 -5.16 -1.05 1.94
N PHE A 283 -6.09 -1.36 2.84
CA PHE A 283 -7.51 -1.28 2.51
C PHE A 283 -8.26 -0.29 3.40
N ASP A 284 -7.55 0.68 3.98
CA ASP A 284 -8.22 1.67 4.82
C ASP A 284 -8.90 2.79 4.02
N ALA A 285 -8.92 2.72 2.69
CA ALA A 285 -9.78 3.59 1.89
C ALA A 285 -11.14 2.98 1.61
N VAL A 286 -11.37 1.73 2.03
CA VAL A 286 -12.65 1.08 1.81
C VAL A 286 -13.73 1.68 2.72
N GLU A 287 -14.95 1.76 2.20
CA GLU A 287 -16.10 2.22 2.95
C GLU A 287 -16.26 1.42 4.24
N GLY A 288 -16.81 2.08 5.25
CA GLY A 288 -17.09 1.45 6.53
C GLY A 288 -16.01 1.67 7.59
N HIS A 289 -14.97 2.49 7.29
CA HIS A 289 -13.94 2.77 8.28
C HIS A 289 -14.31 3.97 9.15
N PRO A 290 -13.78 4.01 10.37
CA PRO A 290 -13.81 5.28 11.13
C PRO A 290 -13.07 6.34 10.33
N THR A 291 -13.70 7.51 10.21
CA THR A 291 -13.14 8.52 9.32
C THR A 291 -11.74 9.01 9.70
N PRO A 292 -11.31 9.05 10.97
CA PRO A 292 -9.91 9.44 11.24
C PRO A 292 -8.90 8.46 10.70
N LEU A 293 -9.27 7.20 10.48
CA LEU A 293 -8.38 6.19 9.94
C LEU A 293 -8.38 6.14 8.41
N GLY A 294 -9.27 6.88 7.77
CA GLY A 294 -9.32 6.91 6.32
C GLY A 294 -10.48 7.76 5.85
N GLY A 295 -11.69 7.27 6.06
CA GLY A 295 -12.88 8.05 5.78
C GLY A 295 -13.27 8.11 4.33
N TYR A 296 -12.71 7.26 3.48
CA TYR A 296 -13.09 7.18 2.08
C TYR A 296 -14.13 6.08 1.89
N ASN A 297 -14.71 6.04 0.69
CA ASN A 297 -15.86 5.18 0.43
C ASN A 297 -15.64 4.25 -0.77
N LEU A 298 -14.40 3.81 -0.97
CA LEU A 298 -14.14 2.79 -1.99
C LEU A 298 -14.92 1.52 -1.66
N SER A 299 -15.43 0.87 -2.70
CA SER A 299 -16.00 -0.46 -2.55
C SER A 299 -14.90 -1.51 -2.65
N ALA A 300 -15.10 -2.63 -1.95
CA ALA A 300 -14.18 -3.75 -2.10
C ALA A 300 -14.10 -4.20 -3.54
N ARG A 301 -15.24 -4.23 -4.24
CA ARG A 301 -15.27 -4.62 -5.64
C ARG A 301 -14.32 -3.74 -6.47
N CYS A 302 -14.25 -2.44 -6.16
CA CYS A 302 -13.38 -1.55 -6.92
C CYS A 302 -11.91 -1.99 -6.83
N PHE A 303 -11.48 -2.48 -5.67
CA PHE A 303 -10.08 -2.90 -5.56
C PHE A 303 -9.78 -4.09 -6.45
N GLY A 304 -10.78 -4.93 -6.73
CA GLY A 304 -10.57 -5.99 -7.72
C GLY A 304 -10.28 -5.43 -9.10
N TYR A 305 -11.02 -4.39 -9.48
CA TYR A 305 -10.78 -3.77 -10.78
C TYR A 305 -9.43 -3.05 -10.82
N LEU A 306 -9.06 -2.40 -9.72
CA LEU A 306 -7.73 -1.77 -9.68
C LEU A 306 -6.62 -2.80 -9.78
N THR A 307 -6.79 -3.95 -9.12
CA THR A 307 -5.83 -5.04 -9.25
C THR A 307 -5.73 -5.52 -10.68
N LYS A 308 -6.88 -5.75 -11.33
CA LYS A 308 -6.88 -6.19 -12.72
C LYS A 308 -6.19 -5.17 -13.64
N GLN A 309 -6.34 -3.88 -13.36
CA GLN A 309 -5.62 -2.89 -14.17
C GLN A 309 -4.11 -3.03 -14.01
N LEU A 310 -3.63 -3.16 -12.77
CA LEU A 310 -2.20 -3.31 -12.56
C LEU A 310 -1.66 -4.62 -13.12
N MET A 311 -2.51 -5.66 -13.19
CA MET A 311 -2.08 -6.92 -13.79
C MET A 311 -1.74 -6.80 -15.28
N GLY A 312 -2.16 -5.71 -15.91
CA GLY A 312 -1.76 -5.48 -17.30
C GLY A 312 -0.33 -5.01 -17.49
N LEU A 313 0.36 -4.67 -16.40
CA LEU A 313 1.74 -4.18 -16.43
C LEU A 313 2.71 -5.33 -16.17
N ALA A 314 3.95 -5.15 -16.63
CA ALA A 314 5.06 -6.07 -16.33
C ALA A 314 4.71 -7.51 -16.68
N GLY A 315 3.91 -7.71 -17.73
CA GLY A 315 3.53 -9.04 -18.12
C GLY A 315 2.74 -9.80 -17.08
N GLY A 316 2.16 -9.10 -16.09
CA GLY A 316 1.43 -9.73 -15.01
C GLY A 316 2.25 -10.08 -13.79
N ARG A 317 3.54 -9.71 -13.77
CA ARG A 317 4.43 -10.02 -12.64
C ARG A 317 4.14 -9.05 -11.51
N ILE A 318 3.19 -9.39 -10.64
CA ILE A 318 2.71 -8.46 -9.62
C ILE A 318 2.55 -9.18 -8.29
N VAL A 319 2.82 -8.46 -7.20
CA VAL A 319 2.59 -8.95 -5.84
C VAL A 319 1.93 -7.85 -5.04
N LEU A 320 0.85 -8.18 -4.32
CA LEU A 320 0.21 -7.27 -3.39
C LEU A 320 0.61 -7.67 -1.98
N ALA A 321 0.92 -6.68 -1.14
CA ALA A 321 1.27 -6.93 0.25
C ALA A 321 0.40 -6.08 1.15
N LEU A 322 -0.24 -6.71 2.12
CA LEU A 322 -1.15 -6.01 3.00
C LEU A 322 -0.42 -4.92 3.80
N GLU A 323 -0.98 -3.72 3.78
CA GLU A 323 -0.49 -2.68 4.69
C GLU A 323 -1.56 -2.42 5.74
N GLY A 324 -2.24 -1.28 5.67
CA GLY A 324 -3.30 -0.93 6.59
C GLY A 324 -4.66 -1.45 6.16
N GLY A 325 -5.70 -0.89 6.78
CA GLY A 325 -7.05 -1.42 6.64
C GLY A 325 -7.46 -2.09 7.94
N TYR A 326 -8.56 -1.64 8.55
CA TYR A 326 -8.78 -1.97 9.95
C TYR A 326 -10.16 -2.55 10.21
N ASP A 327 -11.17 -2.11 9.46
CA ASP A 327 -12.49 -2.70 9.59
C ASP A 327 -12.47 -4.11 9.02
N LEU A 328 -12.85 -5.10 9.84
CA LEU A 328 -12.65 -6.49 9.45
C LEU A 328 -13.46 -6.87 8.22
N THR A 329 -14.74 -6.50 8.18
CA THR A 329 -15.54 -6.78 7.00
C THR A 329 -14.93 -6.14 5.76
N ALA A 330 -14.51 -4.88 5.88
CA ALA A 330 -13.96 -4.15 4.74
C ALA A 330 -12.70 -4.81 4.21
N ILE A 331 -11.77 -5.19 5.10
CA ILE A 331 -10.50 -5.72 4.60
C ILE A 331 -10.66 -7.16 4.12
N CYS A 332 -11.63 -7.90 4.66
CA CYS A 332 -11.91 -9.24 4.14
C CYS A 332 -12.58 -9.16 2.77
N ASP A 333 -13.56 -8.27 2.62
CA ASP A 333 -14.20 -8.05 1.33
C ASP A 333 -13.17 -7.66 0.26
N ALA A 334 -12.26 -6.75 0.60
CA ALA A 334 -11.30 -6.27 -0.39
C ALA A 334 -10.23 -7.31 -0.69
N SER A 335 -9.77 -8.04 0.33
CA SER A 335 -8.82 -9.13 0.09
C SER A 335 -9.43 -10.17 -0.83
N GLU A 336 -10.69 -10.51 -0.61
CA GLU A 336 -11.37 -11.48 -1.47
C GLU A 336 -11.42 -10.99 -2.91
N ALA A 337 -11.78 -9.71 -3.12
CA ALA A 337 -11.86 -9.18 -4.48
C ALA A 337 -10.49 -9.16 -5.15
N CYS A 338 -9.44 -8.82 -4.40
CA CYS A 338 -8.11 -8.74 -5.01
C CYS A 338 -7.57 -10.11 -5.38
N VAL A 339 -7.74 -11.09 -4.50
CA VAL A 339 -7.25 -12.43 -4.82
C VAL A 339 -8.07 -13.03 -5.95
N SER A 340 -9.38 -12.79 -5.98
CA SER A 340 -10.19 -13.24 -7.10
CA SER A 340 -10.19 -13.24 -7.10
C SER A 340 -9.67 -12.66 -8.42
N ALA A 341 -9.31 -11.37 -8.40
CA ALA A 341 -8.76 -10.73 -9.60
C ALA A 341 -7.43 -11.35 -10.00
N LEU A 342 -6.55 -11.61 -9.02
CA LEU A 342 -5.24 -12.21 -9.33
C LEU A 342 -5.40 -13.58 -9.97
N LEU A 343 -6.42 -14.34 -9.56
CA LEU A 343 -6.70 -15.64 -10.14
C LEU A 343 -7.34 -15.56 -11.51
N GLY A 344 -7.67 -14.37 -11.99
CA GLY A 344 -8.33 -14.26 -13.28
C GLY A 344 -9.82 -14.50 -13.26
N ASN A 345 -10.45 -14.50 -12.08
CA ASN A 345 -11.89 -14.69 -12.03
C ASN A 345 -12.60 -13.46 -12.56
N GLU A 346 -13.77 -13.67 -13.14
CA GLU A 346 -14.61 -12.55 -13.54
C GLU A 346 -15.12 -11.83 -12.29
N LEU A 347 -15.02 -10.52 -12.29
CA LEU A 347 -15.49 -9.71 -11.17
C LEU A 347 -16.93 -9.32 -11.39
N ASP A 348 -17.64 -9.10 -10.29
CA ASP A 348 -18.97 -8.52 -10.39
C ASP A 348 -18.89 -7.15 -11.05
N PRO A 349 -19.82 -6.81 -11.94
CA PRO A 349 -19.78 -5.49 -12.55
C PRO A 349 -19.97 -4.39 -11.52
N LEU A 350 -19.34 -3.25 -11.78
CA LEU A 350 -19.54 -2.10 -10.90
C LEU A 350 -20.96 -1.57 -11.08
N PRO A 351 -21.57 -1.05 -10.02
CA PRO A 351 -22.94 -0.52 -10.13
C PRO A 351 -23.05 0.55 -11.21
N GLU A 352 -24.25 0.66 -11.77
CA GLU A 352 -24.49 1.67 -12.80
C GLU A 352 -24.19 3.07 -12.28
N LYS A 353 -24.57 3.35 -11.04
CA LYS A 353 -24.32 4.66 -10.46
C LYS A 353 -22.82 4.96 -10.40
N VAL A 354 -21.98 3.94 -10.20
CA VAL A 354 -20.55 4.18 -10.16
C VAL A 354 -20.00 4.46 -11.56
N LEU A 355 -20.44 3.70 -12.55
CA LEU A 355 -19.97 3.90 -13.91
C LEU A 355 -20.35 5.28 -14.45
N GLN A 356 -21.48 5.80 -14.01
CA GLN A 356 -21.99 7.08 -14.51
C GLN A 356 -21.52 8.27 -13.70
N GLN A 357 -20.91 8.05 -12.54
CA GLN A 357 -20.61 9.15 -11.63
C GLN A 357 -19.35 9.90 -12.09
N ARG A 358 -19.48 11.21 -12.15
CA ARG A 358 -18.32 12.05 -12.40
C ARG A 358 -17.53 12.25 -11.10
N PRO A 359 -16.20 12.17 -11.16
CA PRO A 359 -15.40 12.38 -9.94
C PRO A 359 -15.66 13.76 -9.36
N ASN A 360 -15.63 13.84 -8.03
CA ASN A 360 -16.01 15.09 -7.40
C ASN A 360 -14.96 16.17 -7.67
N ALA A 361 -15.38 17.43 -7.48
CA ALA A 361 -14.56 18.57 -7.87
C ALA A 361 -13.22 18.57 -7.15
N ASN A 362 -13.19 18.17 -5.88
CA ASN A 362 -11.92 18.13 -5.16
C ASN A 362 -10.97 17.11 -5.78
N ALA A 363 -11.50 15.95 -6.18
CA ALA A 363 -10.65 14.95 -6.81
C ALA A 363 -10.15 15.42 -8.17
N VAL A 364 -10.99 16.14 -8.92
CA VAL A 364 -10.57 16.67 -10.21
C VAL A 364 -9.44 17.67 -10.02
N ARG A 365 -9.63 18.63 -9.10
CA ARG A 365 -8.57 19.58 -8.80
C ARG A 365 -7.30 18.87 -8.36
N SER A 366 -7.44 17.82 -7.55
CA SER A 366 -6.27 17.08 -7.08
C SER A 366 -5.55 16.39 -8.24
N MET A 367 -6.32 15.72 -9.11
CA MET A 367 -5.73 15.03 -10.26
C MET A 367 -5.05 16.02 -11.19
N GLU A 368 -5.69 17.15 -11.46
CA GLU A 368 -5.12 18.11 -12.40
C GLU A 368 -3.86 18.75 -11.85
N LYS A 369 -3.77 18.95 -10.54
CA LYS A 369 -2.56 19.45 -9.93
C LYS A 369 -1.40 18.48 -10.16
N VAL A 370 -1.65 17.19 -9.94
CA VAL A 370 -0.62 16.16 -10.12
C VAL A 370 -0.20 16.09 -11.58
N MET A 371 -1.17 16.15 -12.50
CA MET A 371 -0.87 16.06 -13.92
C MET A 371 -0.06 17.26 -14.40
N GLU A 372 -0.42 18.46 -13.94
CA GLU A 372 0.35 19.65 -14.28
C GLU A 372 1.80 19.53 -13.85
N ILE A 373 2.02 19.04 -12.63
CA ILE A 373 3.39 18.90 -12.12
C ILE A 373 4.16 17.85 -12.92
N HIS A 374 3.55 16.69 -13.12
CA HIS A 374 4.29 15.60 -13.76
C HIS A 374 4.27 15.64 -15.28
N SER A 375 3.51 16.58 -15.87
CA SER A 375 3.63 16.79 -17.31
C SER A 375 5.04 17.21 -17.71
N LYS A 376 5.80 17.77 -16.76
CA LYS A 376 7.20 18.10 -17.00
C LYS A 376 8.06 16.86 -17.25
N TYR A 377 7.65 15.70 -16.75
CA TYR A 377 8.51 14.52 -16.75
C TYR A 377 7.96 13.36 -17.56
N TRP A 378 6.68 13.35 -17.89
CA TRP A 378 6.04 12.19 -18.49
C TRP A 378 5.33 12.61 -19.77
N ARG A 379 5.74 12.02 -20.89
CA ARG A 379 5.18 12.41 -22.19
C ARG A 379 3.70 12.09 -22.27
N CYS A 380 3.24 11.02 -21.60
CA CYS A 380 1.83 10.68 -21.61
C CYS A 380 0.97 11.75 -20.97
N LEU A 381 1.56 12.64 -20.17
CA LEU A 381 0.84 13.78 -19.61
C LEU A 381 1.00 15.05 -20.43
N GLN A 382 1.79 15.00 -21.50
CA GLN A 382 1.78 16.10 -22.47
C GLN A 382 0.61 15.89 -23.43
N ARG A 383 -0.48 15.35 -22.89
CA ARG A 383 -1.73 15.21 -23.63
C ARG A 383 -2.33 16.59 -23.89
N THR A 384 -3.39 16.59 -24.70
CA THR A 384 -4.03 17.85 -25.09
C THR A 384 -4.61 18.56 -23.87
N THR A 385 -5.69 18.01 -23.33
CA THR A 385 -6.36 18.61 -22.18
C THR A 385 -6.61 17.53 -21.13
N SER A 386 -7.23 17.94 -20.02
CA SER A 386 -7.51 17.05 -18.91
C SER A 386 -8.87 16.38 -19.09
N THR A 387 -8.90 15.06 -18.91
CA THR A 387 -10.12 14.29 -18.92
C THR A 387 -10.50 13.82 -17.51
N ALA A 388 -9.89 14.42 -16.48
CA ALA A 388 -10.08 13.93 -15.11
C ALA A 388 -11.52 14.04 -14.65
N GLY A 389 -12.29 14.97 -15.22
CA GLY A 389 -13.68 15.12 -14.81
C GLY A 389 -14.66 14.15 -15.43
N ARG A 390 -14.21 13.26 -16.31
CA ARG A 390 -15.13 12.37 -17.01
C ARG A 390 -15.49 11.17 -16.15
N SER A 391 -16.76 10.78 -16.19
CA SER A 391 -17.14 9.50 -15.64
C SER A 391 -16.53 8.37 -16.47
N LEU A 392 -16.58 7.16 -15.91
CA LEU A 392 -16.07 6.00 -16.64
C LEU A 392 -16.82 5.80 -17.95
N ILE A 393 -18.14 5.98 -17.93
CA ILE A 393 -18.93 5.88 -19.16
C ILE A 393 -18.52 6.96 -20.15
N GLU A 394 -18.39 8.20 -19.67
CA GLU A 394 -18.00 9.31 -20.54
C GLU A 394 -16.62 9.09 -21.14
N ALA A 395 -15.69 8.55 -20.34
CA ALA A 395 -14.35 8.28 -20.86
C ALA A 395 -14.37 7.13 -21.85
N GLN A 396 -15.09 6.05 -21.52
CA GLN A 396 -15.18 4.90 -22.44
C GLN A 396 -15.93 5.27 -23.72
N THR A 397 -16.88 6.20 -23.63
CA THR A 397 -17.57 6.65 -24.84
C THR A 397 -16.63 7.40 -25.76
N CYS A 398 -15.74 8.23 -25.19
CA CYS A 398 -14.77 8.96 -26.00
C CYS A 398 -13.62 8.08 -26.47
N GLU A 399 -13.37 6.95 -25.80
CA GLU A 399 -12.31 6.05 -26.24
C GLU A 399 -12.73 5.24 -27.45
N ASN A 400 -13.96 4.69 -27.42
CA ASN A 400 -14.43 3.86 -28.53
C ASN A 400 -14.50 4.65 -29.83
N GLU A 401 -14.94 5.92 -29.75
CA GLU A 401 -15.04 6.74 -30.94
C GLU A 401 -13.67 7.14 -31.47
N GLU A 402 -12.68 7.27 -30.58
CA GLU A 402 -11.31 7.56 -31.03
C GLU A 402 -10.70 6.34 -31.71
N ALA A 403 -10.70 5.20 -31.03
CA ALA A 403 -10.15 3.97 -31.59
C ALA A 403 -11.21 2.89 -31.68
N HIS B 1 7.77 20.21 19.95
CA HIS B 1 8.26 18.84 19.91
C HIS B 1 7.52 18.03 18.85
N ILE B 2 7.44 16.71 19.06
CA ILE B 2 6.84 15.81 18.07
C ILE B 2 5.44 15.43 18.52
N ARG B 3 4.47 15.57 17.60
CA ARG B 3 3.13 15.05 17.77
C ARG B 3 2.74 14.35 16.48
N GLY B 4 1.57 13.72 16.48
CA GLY B 4 1.14 12.96 15.32
C GLY B 4 0.67 11.57 15.70
N SER B 5 -0.34 11.08 14.99
CA SER B 5 -1.03 9.86 15.40
C SER B 5 -1.79 9.29 14.23
N ILE B 6 -1.49 8.06 13.83
CA ILE B 6 -2.28 7.45 12.77
C ILE B 6 -3.67 7.08 13.29
N THR B 7 -3.79 6.71 14.56
CA THR B 7 -5.10 6.39 15.13
C THR B 7 -6.03 7.59 15.08
N GLN B 8 -5.51 8.79 15.25
CA GLN B 8 -6.34 9.99 15.24
C GLN B 8 -6.32 10.74 13.90
N GLY B 9 -5.50 10.30 12.95
CA GLY B 9 -5.40 10.97 11.67
C GLY B 9 -4.64 12.28 11.72
N ILE B 10 -3.81 12.49 12.74
CA ILE B 10 -3.11 13.76 12.94
C ILE B 10 -1.72 13.68 12.32
N PRO B 11 -1.31 14.66 11.52
CA PRO B 11 0.01 14.59 10.89
C PRO B 11 1.13 14.78 11.90
N ARG B 12 2.30 14.23 11.57
CA ARG B 12 3.48 14.49 12.37
C ARG B 12 3.98 15.89 12.11
N SER B 13 4.34 16.61 13.18
CA SER B 13 4.73 18.00 13.02
C SER B 13 5.74 18.39 14.09
N TYR B 14 6.59 19.36 13.72
CA TYR B 14 7.54 19.99 14.63
C TYR B 14 8.45 18.99 15.33
K K C . -0.83 5.37 -0.32
K K D . 12.02 6.75 -7.11
ZN ZN E . -2.98 3.16 6.07
ZN ZN F . -1.93 -1.73 24.79
#